data_4HO1
#
_entry.id   4HO1
#
_cell.length_a   112.786
_cell.length_b   112.786
_cell.length_c   46.297
_cell.angle_alpha   90.00
_cell.angle_beta   90.00
_cell.angle_gamma   90.00
#
_symmetry.space_group_name_H-M   'I 41'
#
loop_
_entity.id
_entity.type
_entity.pdbx_description
1 polymer 'Cysteine synthase'
2 non-polymer GLYCEROL
3 non-polymer 1,2-ETHANEDIOL
4 water water
#
_entity_poly.entity_id   1
_entity_poly.type   'polypeptide(L)'
_entity_poly.pdbx_seq_one_letter_code
;MAIYADNSYSIGNTPLVRLKHFGHNGNVVVKIEGRNPSYSV(LLP)CRIGANMVWQAEKDGTLTKGKEIVDATSGNTGIA
LAYVAAARGYKITLTMPETMSLERKRLLCGLGVNLVLTEGAKGMKGAIAKAEEIVASDPSRYVMLKQFENPANPQIHRET
TGPEIWKDTDGKVDVVVAGVGTGGSITGISRAIKLDFGKQITSVAVEPVESPVISQTLAGEEVKPGPHKIQGIGAGFIPK
NLDLSIIDRVETVDSDTALATARRLMAEEGILAGISSGAAVAAADRLAKLPEFADKLIVVILPSASERYLSTALFEGIEG
;
_entity_poly.pdbx_strand_id   X
#
loop_
_chem_comp.id
_chem_comp.type
_chem_comp.name
_chem_comp.formula
EDO non-polymer 1,2-ETHANEDIOL 'C2 H6 O2'
GOL non-polymer GLYCEROL 'C3 H8 O3'
#
# COMPACT_ATOMS: atom_id res chain seq x y z
N ALA A 2 24.00 -9.22 -4.03
CA ALA A 2 24.87 -9.17 -5.21
C ALA A 2 24.33 -7.93 -6.03
N ILE A 3 24.13 -8.06 -7.32
CA ILE A 3 23.95 -6.95 -8.24
C ILE A 3 22.66 -7.13 -8.95
N TYR A 4 21.70 -6.21 -8.80
CA TYR A 4 20.41 -6.43 -9.42
C TYR A 4 20.46 -6.08 -10.90
N ALA A 5 19.73 -6.87 -11.70
CA ALA A 5 19.81 -6.71 -13.15
C ALA A 5 19.08 -5.41 -13.60
N ASP A 6 18.07 -5.00 -12.86
CA ASP A 6 17.41 -3.70 -13.02
C ASP A 6 16.80 -3.32 -11.63
N ASN A 7 16.27 -2.11 -11.52
CA ASN A 7 15.85 -1.58 -10.21
C ASN A 7 14.55 -2.22 -9.71
N SER A 8 13.80 -2.85 -10.62
CA SER A 8 12.62 -3.66 -10.17
C SER A 8 12.99 -4.75 -9.12
N TYR A 9 14.16 -5.36 -9.27
CA TYR A 9 14.62 -6.43 -8.37
C TYR A 9 15.13 -5.96 -7.05
N SER A 10 15.24 -4.66 -6.86
CA SER A 10 15.78 -4.10 -5.59
C SER A 10 14.71 -3.87 -4.48
N ILE A 11 13.47 -4.20 -4.78
CA ILE A 11 12.34 -4.06 -3.82
C ILE A 11 12.60 -4.76 -2.47
N GLY A 12 12.00 -4.20 -1.45
CA GLY A 12 11.90 -4.86 -0.16
C GLY A 12 13.14 -4.83 0.69
N ASN A 13 13.29 -5.89 1.48
CA ASN A 13 14.19 -6.02 2.63
C ASN A 13 14.21 -4.77 3.45
N THR A 14 13.04 -4.32 3.81
CA THR A 14 12.89 -3.06 4.51
C THR A 14 13.11 -3.30 6.04
N PRO A 15 13.58 -2.25 6.74
CA PRO A 15 13.98 -2.41 8.14
C PRO A 15 12.80 -2.43 9.12
N LEU A 16 13.00 -3.14 10.22
CA LEU A 16 12.19 -2.96 11.43
C LEU A 16 12.87 -2.10 12.47
N VAL A 17 12.13 -1.09 12.96
CA VAL A 17 12.61 -0.17 13.97
C VAL A 17 11.66 -0.22 15.14
N ARG A 18 12.19 -0.33 16.35
CA ARG A 18 11.37 -0.32 17.55
C ARG A 18 11.03 1.10 17.95
N LEU A 19 9.75 1.35 18.23
CA LEU A 19 9.30 2.68 18.62
C LEU A 19 9.61 3.01 20.09
N LYS A 20 10.09 4.22 20.39
CA LYS A 20 10.45 4.65 21.77
C LYS A 20 9.38 5.44 22.48
N HIS A 21 8.52 6.14 21.73
CA HIS A 21 7.49 6.98 22.33
C HIS A 21 6.09 6.49 22.08
N PHE A 22 5.96 5.26 21.58
CA PHE A 22 4.67 4.63 21.41
C PHE A 22 4.75 3.25 22.02
N GLY A 23 3.59 2.65 22.28
CA GLY A 23 3.49 1.32 22.87
C GLY A 23 3.87 1.34 24.34
N HIS A 24 4.17 0.16 24.86
CA HIS A 24 4.44 -0.06 26.23
C HIS A 24 5.60 -1.05 26.25
N ASN A 25 6.72 -0.59 26.82
CA ASN A 25 7.98 -1.37 26.91
C ASN A 25 8.40 -1.95 25.57
N GLY A 26 8.31 -1.15 24.53
CA GLY A 26 8.89 -1.51 23.28
C GLY A 26 8.11 -2.54 22.50
N ASN A 27 6.84 -2.72 22.81
CA ASN A 27 6.00 -3.65 22.10
C ASN A 27 5.56 -3.27 20.67
N VAL A 28 5.83 -2.05 20.23
CA VAL A 28 5.46 -1.64 18.86
C VAL A 28 6.72 -1.43 18.02
N VAL A 29 6.78 -2.17 16.90
CA VAL A 29 7.87 -2.14 15.96
CA VAL A 29 7.87 -2.06 15.97
C VAL A 29 7.30 -1.79 14.60
N VAL A 30 7.96 -0.88 13.89
CA VAL A 30 7.50 -0.48 12.53
C VAL A 30 8.37 -1.00 11.38
N LYS A 31 7.68 -1.35 10.27
CA LYS A 31 8.34 -1.81 9.04
C LYS A 31 8.24 -0.65 8.06
N ILE A 32 9.37 -0.13 7.69
CA ILE A 32 9.48 1.18 6.96
C ILE A 32 9.51 0.90 5.46
N GLU A 33 8.33 0.73 4.91
CA GLU A 33 8.15 0.56 3.44
C GLU A 33 8.43 1.81 2.62
N GLY A 34 8.55 2.98 3.28
CA GLY A 34 9.16 4.16 2.57
C GLY A 34 10.59 3.89 2.08
N ARG A 35 11.27 2.86 2.62
CA ARG A 35 12.66 2.52 2.29
C ARG A 35 12.75 1.54 1.16
N ASN A 36 12.26 2.01 0.06
CA ASN A 36 12.00 1.21 -1.11
C ASN A 36 12.19 2.23 -2.28
N PRO A 37 12.56 1.68 -3.46
CA PRO A 37 12.35 2.37 -4.77
C PRO A 37 10.93 2.94 -4.89
N SER A 38 10.89 4.20 -5.34
CA SER A 38 9.70 5.01 -5.47
C SER A 38 9.06 5.32 -4.17
N TYR A 39 9.76 5.12 -3.02
CA TYR A 39 9.32 5.68 -1.74
C TYR A 39 8.10 5.02 -1.16
N SER A 40 7.67 3.87 -1.68
CA SER A 40 6.51 3.25 -1.01
C SER A 40 6.47 1.70 -1.14
N VAL A 41 5.59 1.14 -0.37
CA VAL A 41 5.30 -0.32 -0.38
C VAL A 41 4.87 -0.75 -1.77
N1 LLP A 42 -0.84 3.65 2.43
C2 LLP A 42 -0.27 4.08 1.25
C2' LLP A 42 0.44 5.38 1.14
C3 LLP A 42 -0.37 3.23 0.16
O3 LLP A 42 0.19 3.58 -1.01
C4 LLP A 42 -1.06 1.97 0.19
C4' LLP A 42 -1.18 1.08 -0.99
C5 LLP A 42 -1.60 1.57 1.44
C6 LLP A 42 -1.44 2.44 2.51
C5' LLP A 42 -2.40 0.28 1.60
OP4 LLP A 42 -1.70 -0.88 1.27
P LLP A 42 -2.48 -2.08 0.57
OP1 LLP A 42 -2.92 -1.54 -0.78
OP2 LLP A 42 -3.73 -2.33 1.37
OP3 LLP A 42 -1.55 -3.22 0.41
N LLP A 42 4.24 0.17 -2.72
CA LLP A 42 3.62 -0.24 -3.97
CB LLP A 42 2.79 0.89 -4.53
CG LLP A 42 1.53 1.21 -3.76
CD LLP A 42 0.66 0.02 -3.49
CE LLP A 42 -0.76 0.49 -3.31
NZ LLP A 42 -0.74 1.48 -2.25
C LLP A 42 4.61 -0.51 -5.04
O LLP A 42 4.50 -1.35 -5.94
N CYS A 43 6.15 -0.39 -4.65
CA CYS A 43 7.17 -0.88 -5.55
C CYS A 43 7.09 -2.41 -5.62
N ARG A 44 6.63 -3.06 -4.55
CA ARG A 44 6.60 -4.53 -4.54
C ARG A 44 5.52 -5.01 -5.50
N ILE A 45 4.36 -4.35 -5.53
CA ILE A 45 3.30 -4.79 -6.43
C ILE A 45 3.50 -4.31 -7.86
N GLY A 46 4.19 -3.18 -8.08
CA GLY A 46 4.45 -2.70 -9.43
C GLY A 46 5.35 -3.77 -10.03
N ALA A 47 6.39 -4.14 -9.30
CA ALA A 47 7.35 -5.14 -9.78
C ALA A 47 6.64 -6.47 -10.07
N ASN A 48 5.88 -6.97 -9.09
CA ASN A 48 5.38 -8.32 -9.28
C ASN A 48 4.21 -8.43 -10.24
N MET A 49 3.40 -7.39 -10.35
CA MET A 49 2.34 -7.46 -11.33
C MET A 49 2.91 -7.52 -12.78
N VAL A 50 3.93 -6.69 -13.02
CA VAL A 50 4.69 -6.73 -14.28
C VAL A 50 5.35 -8.11 -14.44
N TRP A 51 6.07 -8.58 -13.39
CA TRP A 51 6.75 -9.86 -13.51
C TRP A 51 5.74 -11.01 -13.86
N GLN A 52 4.60 -11.02 -13.18
CA GLN A 52 3.63 -12.12 -13.39
C GLN A 52 3.01 -12.06 -14.77
N ALA A 53 2.71 -10.86 -15.23
CA ALA A 53 2.17 -10.63 -16.56
C ALA A 53 3.18 -11.12 -17.63
N GLU A 54 4.47 -10.91 -17.40
CA GLU A 54 5.50 -11.49 -18.27
C GLU A 54 5.51 -13.00 -18.29
N LYS A 55 5.51 -13.61 -17.11
CA LYS A 55 5.54 -15.06 -16.97
C LYS A 55 4.28 -15.65 -17.62
N ASP A 56 3.16 -14.94 -17.59
CA ASP A 56 1.95 -15.54 -18.09
C ASP A 56 1.64 -15.15 -19.52
N GLY A 57 2.59 -14.45 -20.11
CA GLY A 57 2.52 -14.14 -21.50
C GLY A 57 1.56 -13.05 -21.82
N THR A 58 0.93 -12.40 -20.85
CA THR A 58 0.09 -11.22 -21.15
C THR A 58 0.85 -9.93 -21.38
N LEU A 59 2.02 -9.83 -20.79
CA LEU A 59 2.89 -8.73 -21.10
C LEU A 59 4.11 -9.28 -21.85
N THR A 60 4.31 -8.76 -23.05
CA THR A 60 5.37 -9.22 -23.96
C THR A 60 6.05 -8.01 -24.57
N LYS A 61 7.20 -8.24 -25.19
CA LYS A 61 7.99 -7.18 -25.82
C LYS A 61 7.10 -6.35 -26.72
N GLY A 62 7.12 -5.04 -26.57
CA GLY A 62 6.32 -4.17 -27.45
C GLY A 62 4.92 -3.76 -26.96
N LYS A 63 4.24 -4.61 -26.18
CA LYS A 63 2.96 -4.25 -25.53
C LYS A 63 3.13 -3.14 -24.52
N GLU A 64 2.05 -2.38 -24.29
CA GLU A 64 2.11 -1.14 -23.52
C GLU A 64 1.28 -1.31 -22.23
N ILE A 65 1.83 -0.88 -21.10
CA ILE A 65 1.03 -0.89 -19.87
C ILE A 65 0.07 0.29 -19.90
N VAL A 66 -1.18 0.08 -19.55
CA VAL A 66 -2.18 1.16 -19.40
C VAL A 66 -2.86 0.96 -18.04
N ASP A 67 -2.94 2.00 -17.22
CA ASP A 67 -3.67 1.89 -15.94
C ASP A 67 -4.10 3.28 -15.47
N ALA A 68 -4.97 3.29 -14.45
CA ALA A 68 -5.57 4.54 -13.90
C ALA A 68 -5.10 4.63 -12.49
N THR A 69 -4.37 5.69 -12.18
CA THR A 69 -3.70 5.70 -10.91
C THR A 69 -3.71 7.09 -10.27
N SER A 70 -4.24 7.18 -9.04
CA SER A 70 -4.16 8.43 -8.28
C SER A 70 -3.03 8.45 -7.25
N GLY A 71 -2.48 7.29 -6.89
CA GLY A 71 -1.45 7.25 -5.85
C GLY A 71 -0.15 6.60 -6.22
N ASN A 72 0.35 5.86 -5.26
CA ASN A 72 1.69 5.37 -5.27
C ASN A 72 1.93 4.25 -6.23
N THR A 73 0.87 3.57 -6.66
CA THR A 73 1.04 2.48 -7.64
C THR A 73 1.42 2.98 -9.01
N GLY A 74 0.95 4.15 -9.35
CA GLY A 74 1.41 4.78 -10.61
C GLY A 74 2.86 5.12 -10.61
N ILE A 75 3.39 5.63 -9.48
CA ILE A 75 4.80 5.92 -9.37
C ILE A 75 5.54 4.60 -9.48
N ALA A 76 5.02 3.56 -8.80
CA ALA A 76 5.66 2.20 -8.82
C ALA A 76 5.73 1.55 -10.22
N LEU A 77 4.57 1.56 -10.88
CA LEU A 77 4.50 1.05 -12.27
C LEU A 77 5.37 1.89 -13.21
N ALA A 78 5.37 3.20 -13.03
CA ALA A 78 6.23 4.05 -13.83
C ALA A 78 7.74 3.65 -13.69
N TYR A 79 8.27 3.45 -12.48
CA TYR A 79 9.67 3.12 -12.35
C TYR A 79 9.94 1.69 -12.87
N VAL A 80 8.98 0.78 -12.67
CA VAL A 80 9.17 -0.59 -13.15
C VAL A 80 9.19 -0.62 -14.69
N ALA A 81 8.26 0.12 -15.29
CA ALA A 81 8.18 0.16 -16.76
C ALA A 81 9.49 0.79 -17.32
N ALA A 82 9.97 1.85 -16.68
CA ALA A 82 11.28 2.41 -17.09
C ALA A 82 12.45 1.43 -16.93
N ALA A 83 12.50 0.73 -15.82
CA ALA A 83 13.56 -0.23 -15.56
C ALA A 83 13.54 -1.42 -16.47
N ARG A 84 12.33 -1.82 -16.91
CA ARG A 84 12.17 -3.01 -17.74
C ARG A 84 11.94 -2.74 -19.21
N GLY A 85 11.72 -1.51 -19.53
CA GLY A 85 11.65 -1.12 -20.92
C GLY A 85 10.30 -1.19 -21.58
N TYR A 86 9.23 -0.94 -20.81
CA TYR A 86 7.89 -0.87 -21.31
C TYR A 86 7.44 0.56 -21.45
N LYS A 87 6.69 0.81 -22.50
CA LYS A 87 5.96 2.04 -22.54
C LYS A 87 4.79 1.88 -21.58
N ILE A 88 4.38 3.01 -21.03
CA ILE A 88 3.27 2.99 -20.09
C ILE A 88 2.51 4.27 -20.23
N THR A 89 1.17 4.14 -20.20
CA THR A 89 0.25 5.27 -20.23
C THR A 89 -0.49 5.19 -18.91
N LEU A 90 -0.49 6.26 -18.16
CA LEU A 90 -1.32 6.32 -16.98
C LEU A 90 -2.32 7.43 -17.12
N THR A 91 -3.55 7.08 -16.76
CA THR A 91 -4.65 8.01 -16.68
C THR A 91 -4.85 8.42 -15.22
N MET A 92 -5.30 9.65 -15.08
CA MET A 92 -5.53 10.27 -13.81
C MET A 92 -6.23 11.60 -14.07
N PRO A 93 -7.06 12.01 -13.12
CA PRO A 93 -7.76 13.32 -13.29
C PRO A 93 -6.82 14.55 -13.39
N GLU A 94 -7.23 15.57 -14.15
CA GLU A 94 -6.40 16.75 -14.40
C GLU A 94 -6.12 17.55 -13.13
N THR A 95 -6.91 17.28 -12.11
CA THR A 95 -6.77 17.87 -10.80
C THR A 95 -5.47 17.48 -10.09
N MET A 96 -4.86 16.35 -10.47
CA MET A 96 -3.61 15.88 -9.84
C MET A 96 -2.56 17.02 -9.72
N SER A 97 -1.72 16.93 -8.69
CA SER A 97 -0.65 17.95 -8.54
C SER A 97 0.34 18.01 -9.71
N LEU A 98 0.83 19.23 -9.97
CA LEU A 98 1.84 19.47 -10.98
C LEU A 98 3.06 18.66 -10.64
N GLU A 99 3.38 18.52 -9.35
CA GLU A 99 4.60 17.81 -8.93
C GLU A 99 4.54 16.33 -9.27
N ARG A 100 3.38 15.71 -9.03
CA ARG A 100 3.15 14.31 -9.43
C ARG A 100 3.20 14.12 -10.94
N LYS A 101 2.59 15.05 -11.65
CA LYS A 101 2.64 14.96 -13.10
C LYS A 101 4.09 15.02 -13.64
N ARG A 102 4.92 15.89 -13.03
CA ARG A 102 6.29 16.09 -13.41
C ARG A 102 7.11 14.84 -13.06
N LEU A 103 6.78 14.24 -11.93
CA LEU A 103 7.51 13.07 -11.57
C LEU A 103 7.22 11.98 -12.61
N LEU A 104 5.95 11.84 -12.94
CA LEU A 104 5.52 10.76 -13.81
C LEU A 104 6.04 11.01 -15.19
N CYS A 105 5.92 12.26 -15.66
CA CYS A 105 6.54 12.67 -16.95
C CYS A 105 8.02 12.40 -16.99
N GLY A 106 8.70 12.66 -15.88
CA GLY A 106 10.10 12.39 -15.73
C GLY A 106 10.45 10.92 -15.75
N LEU A 107 9.51 10.08 -15.30
CA LEU A 107 9.71 8.63 -15.35
C LEU A 107 9.42 8.07 -16.72
N GLY A 108 9.01 8.91 -17.67
CA GLY A 108 8.77 8.49 -19.02
C GLY A 108 7.32 8.10 -19.32
N VAL A 109 6.38 8.33 -18.39
CA VAL A 109 5.01 7.96 -18.59
C VAL A 109 4.33 8.83 -19.66
N ASN A 110 3.47 8.22 -20.47
CA ASN A 110 2.49 8.95 -21.27
C ASN A 110 1.29 9.26 -20.38
N LEU A 111 1.24 10.50 -19.91
CA LEU A 111 0.16 10.97 -19.04
C LEU A 111 -1.09 11.40 -19.83
N VAL A 112 -2.22 10.76 -19.51
CA VAL A 112 -3.51 11.11 -20.06
C VAL A 112 -4.35 11.62 -18.90
N LEU A 113 -4.52 12.95 -18.91
CA LEU A 113 -5.30 13.66 -17.92
C LEU A 113 -6.76 13.65 -18.32
N THR A 114 -7.62 13.22 -17.40
CA THR A 114 -9.05 13.19 -17.68
C THR A 114 -9.71 14.36 -16.96
N GLU A 115 -10.99 14.56 -17.26
CA GLU A 115 -11.74 15.69 -16.76
C GLU A 115 -11.81 15.61 -15.23
N GLY A 116 -11.58 16.79 -14.60
CA GLY A 116 -11.46 16.91 -13.15
C GLY A 116 -12.70 16.45 -12.43
N ALA A 117 -13.85 16.84 -12.98
CA ALA A 117 -15.18 16.48 -12.45
C ALA A 117 -15.39 14.96 -12.33
N LYS A 118 -14.77 14.21 -13.22
CA LYS A 118 -15.02 12.77 -13.24
C LYS A 118 -14.16 12.00 -12.23
N GLY A 119 -13.17 12.67 -11.63
CA GLY A 119 -12.26 12.02 -10.68
C GLY A 119 -11.75 10.66 -11.14
N MET A 120 -11.65 9.71 -10.22
CA MET A 120 -11.14 8.37 -10.57
C MET A 120 -12.02 7.50 -11.48
N LYS A 121 -13.33 7.47 -11.26
CA LYS A 121 -14.23 6.85 -12.26
C LYS A 121 -13.90 7.32 -13.72
N GLY A 122 -13.66 8.62 -13.93
CA GLY A 122 -13.30 9.11 -15.28
C GLY A 122 -12.00 8.54 -15.83
N ALA A 123 -11.00 8.44 -14.96
CA ALA A 123 -9.69 7.94 -15.35
C ALA A 123 -9.71 6.44 -15.59
N ILE A 124 -10.47 5.75 -14.76
CA ILE A 124 -10.57 4.31 -14.90
C ILE A 124 -11.28 4.04 -16.20
N ALA A 125 -12.33 4.81 -16.47
CA ALA A 125 -13.05 4.77 -17.75
C ALA A 125 -12.12 4.91 -18.97
N LYS A 126 -11.30 5.96 -18.94
CA LYS A 126 -10.46 6.30 -20.06
C LYS A 126 -9.41 5.20 -20.26
N ALA A 127 -8.83 4.70 -19.17
CA ALA A 127 -7.89 3.60 -19.30
C ALA A 127 -8.53 2.37 -19.97
N GLU A 128 -9.75 2.06 -19.54
CA GLU A 128 -10.50 0.91 -20.09
C GLU A 128 -10.79 1.10 -21.58
N GLU A 129 -11.17 2.34 -21.92
CA GLU A 129 -11.37 2.82 -23.30
C GLU A 129 -10.15 2.67 -24.21
N ILE A 130 -8.99 3.06 -23.66
CA ILE A 130 -7.71 2.84 -24.35
C ILE A 130 -7.47 1.36 -24.57
N VAL A 131 -7.63 0.54 -23.53
CA VAL A 131 -7.39 -0.90 -23.68
C VAL A 131 -8.36 -1.44 -24.76
N ALA A 132 -9.64 -1.07 -24.66
CA ALA A 132 -10.66 -1.44 -25.70
C ALA A 132 -10.24 -1.11 -27.12
N SER A 133 -9.46 -0.05 -27.29
CA SER A 133 -9.08 0.44 -28.63
C SER A 133 -8.07 -0.44 -29.33
N ASP A 134 -7.34 -1.25 -28.57
CA ASP A 134 -6.47 -2.26 -29.16
C ASP A 134 -6.02 -3.32 -28.11
N PRO A 135 -6.96 -4.15 -27.65
CA PRO A 135 -6.66 -5.08 -26.57
C PRO A 135 -5.45 -6.01 -26.85
N SER A 136 -4.89 -6.03 -28.05
CA SER A 136 -3.71 -6.85 -28.29
C SER A 136 -2.45 -6.08 -27.95
N ARG A 137 -2.59 -4.77 -27.81
CA ARG A 137 -1.52 -3.80 -27.64
C ARG A 137 -1.27 -3.43 -26.16
N TYR A 138 -2.36 -3.39 -25.39
CA TYR A 138 -2.36 -2.78 -24.04
C TYR A 138 -2.63 -3.83 -22.96
N VAL A 139 -2.05 -3.63 -21.77
CA VAL A 139 -2.31 -4.52 -20.60
CA VAL A 139 -2.36 -4.49 -20.61
C VAL A 139 -2.59 -3.64 -19.40
N MET A 140 -3.74 -3.86 -18.77
CA MET A 140 -4.10 -3.14 -17.57
C MET A 140 -3.94 -4.08 -16.40
N LEU A 141 -3.22 -3.67 -15.39
CA LEU A 141 -2.78 -4.63 -14.39
C LEU A 141 -3.74 -4.76 -13.16
N LYS A 142 -4.55 -3.74 -12.88
CA LYS A 142 -5.66 -3.75 -11.93
C LYS A 142 -5.28 -4.13 -10.52
N GLN A 143 -4.53 -3.26 -9.85
CA GLN A 143 -4.07 -3.54 -8.50
C GLN A 143 -5.13 -3.96 -7.46
N PHE A 144 -6.41 -3.56 -7.59
CA PHE A 144 -7.41 -3.94 -6.57
C PHE A 144 -7.83 -5.36 -6.69
N GLU A 145 -7.65 -5.97 -7.87
CA GLU A 145 -7.99 -7.40 -8.08
C GLU A 145 -6.90 -8.38 -8.47
N ASN A 146 -5.72 -7.91 -8.89
CA ASN A 146 -4.71 -8.80 -9.39
C ASN A 146 -4.03 -9.59 -8.28
N PRO A 147 -4.15 -10.93 -8.30
CA PRO A 147 -3.55 -11.70 -7.20
C PRO A 147 -2.07 -11.53 -7.00
N ALA A 148 -1.37 -11.01 -8.02
CA ALA A 148 0.07 -10.80 -7.90
C ALA A 148 0.39 -9.75 -6.86
N ASN A 149 -0.58 -8.87 -6.55
CA ASN A 149 -0.46 -7.88 -5.45
C ASN A 149 -0.30 -8.59 -4.11
N PRO A 150 -1.31 -9.33 -3.59
CA PRO A 150 -1.00 -9.98 -2.28
C PRO A 150 0.07 -11.07 -2.39
N GLN A 151 0.22 -11.70 -3.53
CA GLN A 151 1.26 -12.73 -3.71
C GLN A 151 2.67 -12.22 -3.40
N ILE A 152 2.99 -11.03 -3.83
CA ILE A 152 4.35 -10.51 -3.54
C ILE A 152 4.57 -10.27 -2.05
N HIS A 153 3.51 -9.86 -1.34
CA HIS A 153 3.56 -9.74 0.10
C HIS A 153 3.64 -11.08 0.86
N ARG A 154 3.04 -12.11 0.28
CA ARG A 154 3.22 -13.45 0.83
C ARG A 154 4.66 -13.97 0.66
N GLU A 155 5.30 -13.61 -0.41
CA GLU A 155 6.64 -14.13 -0.79
C GLU A 155 7.77 -13.32 -0.21
N THR A 156 7.49 -12.04 0.09
CA THR A 156 8.55 -11.06 0.51
C THR A 156 8.20 -10.37 1.85
N THR A 157 7.20 -9.48 1.86
CA THR A 157 6.93 -8.68 3.06
C THR A 157 6.73 -9.61 4.30
N GLY A 158 5.97 -10.71 4.14
CA GLY A 158 5.58 -11.55 5.27
C GLY A 158 6.81 -12.27 5.75
N PRO A 159 7.51 -12.91 4.80
CA PRO A 159 8.73 -13.63 5.21
C PRO A 159 9.82 -12.73 5.85
N GLU A 160 9.92 -11.47 5.39
CA GLU A 160 10.80 -10.51 6.06
C GLU A 160 10.42 -10.23 7.50
N ILE A 161 9.12 -10.06 7.78
CA ILE A 161 8.69 -9.87 9.16
C ILE A 161 9.03 -11.15 9.98
N TRP A 162 8.73 -12.32 9.43
CA TRP A 162 9.01 -13.59 10.17
C TRP A 162 10.45 -13.63 10.54
N LYS A 163 11.31 -13.44 9.54
CA LYS A 163 12.75 -13.63 9.73
C LYS A 163 13.32 -12.56 10.69
N ASP A 164 12.94 -11.32 10.49
CA ASP A 164 13.53 -10.27 11.29
C ASP A 164 13.07 -10.28 12.70
N THR A 165 11.90 -10.84 13.01
CA THR A 165 11.45 -11.05 14.40
C THR A 165 11.72 -12.43 15.00
N ASP A 166 12.37 -13.27 14.20
CA ASP A 166 12.73 -14.67 14.61
C ASP A 166 11.45 -15.43 14.98
N GLY A 167 10.37 -15.17 14.24
CA GLY A 167 9.10 -15.78 14.58
C GLY A 167 8.31 -15.25 15.76
N LYS A 168 8.76 -14.20 16.40
CA LYS A 168 8.18 -13.68 17.62
C LYS A 168 7.04 -12.68 17.33
N VAL A 169 6.87 -12.27 16.09
CA VAL A 169 5.70 -11.39 15.76
C VAL A 169 4.42 -12.06 16.24
N ASP A 170 3.61 -11.28 16.96
CA ASP A 170 2.32 -11.69 17.47
C ASP A 170 1.12 -11.01 16.81
N VAL A 171 1.36 -9.79 16.31
CA VAL A 171 0.29 -8.92 15.81
C VAL A 171 0.86 -8.19 14.60
N VAL A 172 0.13 -8.17 13.49
CA VAL A 172 0.41 -7.32 12.35
C VAL A 172 -0.71 -6.26 12.17
N VAL A 173 -0.30 -5.01 12.10
CA VAL A 173 -1.24 -3.88 11.94
C VAL A 173 -0.92 -3.25 10.61
N ALA A 174 -1.93 -3.19 9.75
CA ALA A 174 -1.72 -2.62 8.41
C ALA A 174 -2.99 -1.88 7.94
N GLY A 175 -2.84 -0.64 7.47
CA GLY A 175 -3.96 -0.01 6.76
C GLY A 175 -4.27 -0.71 5.47
N VAL A 176 -5.54 -0.63 5.03
CA VAL A 176 -6.00 -1.37 3.88
C VAL A 176 -6.36 -0.38 2.83
N GLY A 177 -5.65 -0.47 1.70
CA GLY A 177 -6.04 0.24 0.44
C GLY A 177 -6.57 -0.76 -0.56
N THR A 178 -5.67 -1.50 -1.20
CA THR A 178 -6.06 -2.67 -2.00
C THR A 178 -6.27 -3.93 -1.13
N GLY A 179 -5.75 -3.93 0.10
CA GLY A 179 -5.75 -5.11 0.97
C GLY A 179 -4.58 -6.06 0.76
N GLY A 180 -3.80 -5.83 -0.29
CA GLY A 180 -2.73 -6.76 -0.66
C GLY A 180 -1.75 -7.01 0.52
N SER A 181 -1.32 -5.92 1.18
CA SER A 181 -0.32 -6.03 2.28
C SER A 181 -0.82 -6.93 3.43
N ILE A 182 -1.96 -6.60 4.01
CA ILE A 182 -2.48 -7.42 5.14
CA ILE A 182 -2.52 -7.42 5.12
C ILE A 182 -2.81 -8.87 4.66
N THR A 183 -3.30 -9.05 3.45
CA THR A 183 -3.64 -10.36 2.91
C THR A 183 -2.41 -11.26 2.76
N GLY A 184 -1.43 -10.79 2.01
CA GLY A 184 -0.23 -11.55 1.79
C GLY A 184 0.61 -11.80 3.01
N ILE A 185 0.80 -10.77 3.82
CA ILE A 185 1.55 -10.87 5.05
C ILE A 185 0.90 -11.91 5.95
N SER A 186 -0.40 -11.84 6.06
CA SER A 186 -1.18 -12.69 6.96
C SER A 186 -1.11 -14.15 6.45
N ARG A 187 -1.25 -14.35 5.15
CA ARG A 187 -1.22 -15.69 4.58
C ARG A 187 0.15 -16.30 4.84
N ALA A 188 1.20 -15.53 4.63
CA ALA A 188 2.55 -15.98 4.94
C ALA A 188 2.70 -16.46 6.33
N ILE A 189 2.34 -15.60 7.28
CA ILE A 189 2.62 -15.90 8.67
C ILE A 189 1.73 -16.97 9.25
N LYS A 190 0.44 -16.90 8.96
CA LYS A 190 -0.56 -17.89 9.43
C LYS A 190 -0.47 -19.26 8.72
N LEU A 191 -0.27 -19.23 7.41
CA LEU A 191 -0.41 -20.43 6.60
C LEU A 191 0.94 -21.08 6.33
N ASP A 192 1.93 -20.30 5.92
CA ASP A 192 3.22 -20.81 5.49
C ASP A 192 4.12 -20.97 6.71
N PHE A 193 4.07 -20.07 7.70
CA PHE A 193 4.87 -20.28 8.94
C PHE A 193 4.07 -20.85 10.11
N GLY A 194 2.74 -20.95 9.94
CA GLY A 194 1.86 -21.60 10.91
C GLY A 194 1.63 -20.97 12.27
N LYS A 195 1.74 -19.62 12.38
CA LYS A 195 1.59 -18.96 13.64
C LYS A 195 0.29 -18.15 13.64
N GLN A 196 -0.52 -18.33 14.67
CA GLN A 196 -1.86 -17.81 14.77
C GLN A 196 -1.75 -16.41 15.34
N ILE A 197 -1.21 -15.51 14.56
CA ILE A 197 -1.11 -14.12 14.96
C ILE A 197 -2.45 -13.42 14.84
N THR A 198 -2.49 -12.17 15.30
CA THR A 198 -3.68 -11.30 15.16
C THR A 198 -3.39 -10.33 14.05
N SER A 199 -4.26 -10.35 13.02
CA SER A 199 -4.10 -9.51 11.86
C SER A 199 -5.12 -8.40 12.02
N VAL A 200 -4.63 -7.16 11.98
CA VAL A 200 -5.45 -6.00 12.25
C VAL A 200 -5.48 -5.06 11.01
N ALA A 201 -6.64 -4.95 10.41
CA ALA A 201 -6.88 -3.97 9.36
C ALA A 201 -7.09 -2.62 10.02
N VAL A 202 -6.59 -1.58 9.33
CA VAL A 202 -6.81 -0.19 9.77
C VAL A 202 -7.54 0.54 8.61
N GLU A 203 -8.58 1.28 8.96
CA GLU A 203 -9.29 2.10 8.04
C GLU A 203 -9.70 3.46 8.66
N PRO A 204 -10.09 4.40 7.80
CA PRO A 204 -10.51 5.65 8.42
C PRO A 204 -11.88 5.54 9.06
N VAL A 205 -12.07 6.18 10.23
CA VAL A 205 -13.31 6.28 10.94
C VAL A 205 -14.36 6.99 10.02
N GLU A 206 -13.84 7.80 9.12
CA GLU A 206 -14.69 8.60 8.15
C GLU A 206 -15.28 7.70 7.02
N SER A 207 -14.75 6.47 6.87
CA SER A 207 -15.11 5.59 5.76
C SER A 207 -14.88 4.10 6.16
N PRO A 208 -15.56 3.65 7.21
CA PRO A 208 -15.24 2.39 7.95
C PRO A 208 -16.00 1.21 7.33
N VAL A 209 -15.80 1.05 6.02
CA VAL A 209 -16.57 0.12 5.18
C VAL A 209 -16.28 -1.33 5.56
N ILE A 210 -15.04 -1.58 5.93
CA ILE A 210 -14.73 -2.99 6.47
C ILE A 210 -15.47 -3.26 7.82
N SER A 211 -15.40 -2.34 8.77
CA SER A 211 -16.12 -2.49 9.98
C SER A 211 -17.61 -2.60 9.73
N GLN A 212 -18.18 -1.73 8.88
CA GLN A 212 -19.62 -1.78 8.59
C GLN A 212 -20.04 -3.10 7.97
N THR A 213 -19.25 -3.55 7.00
CA THR A 213 -19.45 -4.85 6.31
C THR A 213 -19.47 -5.98 7.30
N LEU A 214 -18.44 -6.01 8.13
CA LEU A 214 -18.35 -7.14 9.07
C LEU A 214 -19.43 -7.16 10.16
N ALA A 215 -20.04 -5.97 10.43
CA ALA A 215 -21.14 -5.75 11.40
C ALA A 215 -22.50 -5.98 10.78
N GLY A 216 -22.57 -6.23 9.50
CA GLY A 216 -23.81 -6.33 8.78
C GLY A 216 -24.53 -4.99 8.64
N GLU A 217 -23.78 -3.90 8.72
CA GLU A 217 -24.40 -2.51 8.65
C GLU A 217 -24.36 -1.90 7.26
N GLU A 218 -25.20 -0.87 7.03
CA GLU A 218 -25.15 -0.16 5.76
C GLU A 218 -23.71 0.29 5.56
N VAL A 219 -23.18 0.08 4.36
CA VAL A 219 -21.86 0.55 4.01
C VAL A 219 -22.04 2.02 3.56
N LYS A 220 -21.42 2.92 4.29
CA LYS A 220 -21.53 4.36 4.04
C LYS A 220 -20.11 4.93 3.91
N PRO A 221 -19.53 4.92 2.71
CA PRO A 221 -18.21 5.54 2.62
C PRO A 221 -18.28 7.05 2.86
N GLY A 222 -17.15 7.65 3.13
CA GLY A 222 -17.05 9.14 3.27
C GLY A 222 -15.66 9.67 3.03
N PRO A 223 -15.54 11.00 2.81
CA PRO A 223 -14.23 11.57 2.56
C PRO A 223 -13.37 11.60 3.79
N HIS A 224 -12.10 11.56 3.57
CA HIS A 224 -11.07 11.63 4.57
C HIS A 224 -9.75 11.96 3.90
N LYS A 225 -8.69 12.18 4.69
CA LYS A 225 -7.39 12.70 4.27
C LYS A 225 -6.23 11.69 4.43
N ILE A 226 -6.62 10.47 4.76
CA ILE A 226 -5.60 9.43 4.97
C ILE A 226 -5.22 8.80 3.62
N GLN A 227 -4.32 9.46 2.87
CA GLN A 227 -3.96 9.03 1.51
C GLN A 227 -3.46 7.63 1.49
N GLY A 228 -4.04 6.80 0.62
CA GLY A 228 -3.58 5.46 0.34
C GLY A 228 -4.49 4.35 0.93
N ILE A 229 -5.28 4.71 1.95
CA ILE A 229 -6.27 3.81 2.52
C ILE A 229 -7.71 4.36 2.36
N GLY A 230 -8.67 3.57 2.76
CA GLY A 230 -10.06 3.97 2.81
C GLY A 230 -10.62 4.14 1.40
N ALA A 231 -10.47 3.11 0.54
CA ALA A 231 -11.02 3.25 -0.81
C ALA A 231 -12.57 3.34 -0.92
N GLY A 232 -13.29 3.05 0.15
CA GLY A 232 -14.76 3.13 0.19
C GLY A 232 -15.45 1.88 -0.35
N PHE A 233 -14.73 0.78 -0.44
CA PHE A 233 -15.37 -0.46 -0.86
C PHE A 233 -14.49 -1.57 -0.37
N ILE A 234 -15.00 -2.78 -0.40
CA ILE A 234 -14.14 -4.00 -0.09
C ILE A 234 -13.40 -4.49 -1.35
N PRO A 235 -12.08 -4.23 -1.45
CA PRO A 235 -11.42 -4.66 -2.66
C PRO A 235 -11.27 -6.20 -2.71
N LYS A 236 -11.15 -6.71 -3.92
CA LYS A 236 -11.03 -8.14 -4.13
C LYS A 236 -9.80 -8.70 -3.51
N ASN A 237 -8.74 -7.88 -3.44
CA ASN A 237 -7.49 -8.23 -2.77
C ASN A 237 -7.44 -8.11 -1.26
N LEU A 238 -8.57 -7.84 -0.61
CA LEU A 238 -8.69 -7.96 0.85
C LEU A 238 -9.35 -9.32 1.22
N ASP A 239 -8.53 -10.21 1.80
CA ASP A 239 -9.08 -11.48 2.22
C ASP A 239 -9.65 -11.32 3.64
N LEU A 240 -10.94 -11.09 3.74
CA LEU A 240 -11.61 -10.81 5.00
C LEU A 240 -11.44 -12.02 5.95
N SER A 241 -11.30 -13.22 5.42
CA SER A 241 -11.07 -14.42 6.23
C SER A 241 -9.91 -14.40 7.15
N ILE A 242 -8.82 -13.71 6.78
CA ILE A 242 -7.67 -13.62 7.65
C ILE A 242 -7.58 -12.37 8.50
N ILE A 243 -8.62 -11.53 8.44
CA ILE A 243 -8.66 -10.39 9.34
C ILE A 243 -9.32 -10.72 10.65
N ASP A 244 -8.58 -10.50 11.73
CA ASP A 244 -9.05 -10.72 13.08
C ASP A 244 -9.73 -9.54 13.76
N ARG A 245 -9.30 -8.33 13.47
CA ARG A 245 -9.80 -7.17 14.12
C ARG A 245 -9.67 -6.00 13.14
N VAL A 246 -10.56 -5.03 13.26
CA VAL A 246 -10.48 -3.81 12.37
C VAL A 246 -10.44 -2.64 13.36
N GLU A 247 -9.47 -1.73 13.22
CA GLU A 247 -9.34 -0.51 14.02
C GLU A 247 -9.60 0.68 13.06
N THR A 248 -10.36 1.58 13.54
CA THR A 248 -10.64 2.85 12.81
C THR A 248 -9.86 4.01 13.45
N VAL A 249 -9.37 4.93 12.60
CA VAL A 249 -8.49 6.04 13.01
C VAL A 249 -8.99 7.24 12.29
N ASP A 250 -8.98 8.36 12.97
CA ASP A 250 -9.44 9.60 12.27
C ASP A 250 -8.30 10.33 11.56
N SER A 251 -8.61 11.16 10.57
CA SER A 251 -7.56 11.82 9.76
C SER A 251 -6.60 12.78 10.55
N ASP A 252 -7.18 13.62 11.43
CA ASP A 252 -6.44 14.49 12.32
C ASP A 252 -5.45 13.74 13.19
N THR A 253 -5.87 12.64 13.81
CA THR A 253 -4.95 11.84 14.62
C THR A 253 -3.87 11.09 13.75
N ALA A 254 -4.23 10.64 12.57
CA ALA A 254 -3.28 10.18 11.63
C ALA A 254 -2.21 11.10 11.32
N LEU A 255 -2.59 12.32 10.93
CA LEU A 255 -1.63 13.31 10.75
C LEU A 255 -0.75 13.63 11.94
N ALA A 256 -1.37 13.85 13.10
CA ALA A 256 -0.68 14.22 14.33
C ALA A 256 0.34 13.10 14.66
N THR A 257 -0.08 11.86 14.42
CA THR A 257 0.80 10.69 14.70
C THR A 257 2.01 10.64 13.74
N ALA A 258 1.81 10.97 12.44
CA ALA A 258 2.87 11.01 11.52
C ALA A 258 3.89 12.11 11.86
N ARG A 259 3.38 13.28 12.31
CA ARG A 259 4.20 14.37 12.78
C ARG A 259 5.05 13.98 13.99
N ARG A 260 4.50 13.17 14.89
CA ARG A 260 5.17 12.70 16.06
C ARG A 260 6.21 11.68 15.68
N LEU A 261 5.92 10.87 14.67
CA LEU A 261 6.94 9.89 14.23
C LEU A 261 8.16 10.65 13.73
N MET A 262 7.94 11.79 13.07
CA MET A 262 9.05 12.53 12.54
C MET A 262 9.83 13.21 13.69
N ALA A 263 9.09 13.97 14.51
CA ALA A 263 9.68 14.81 15.55
C ALA A 263 10.27 13.99 16.72
N GLU A 264 9.59 12.92 17.14
CA GLU A 264 9.97 12.15 18.29
C GLU A 264 10.74 10.88 17.99
N GLU A 265 10.61 10.28 16.80
CA GLU A 265 11.34 9.03 16.48
C GLU A 265 12.33 9.18 15.33
N GLY A 266 12.30 10.30 14.65
CA GLY A 266 13.17 10.45 13.50
C GLY A 266 12.85 9.53 12.32
N ILE A 267 11.57 9.26 12.17
CA ILE A 267 11.00 8.43 11.10
C ILE A 267 10.10 9.34 10.24
N LEU A 268 10.47 9.43 8.97
CA LEU A 268 9.74 10.25 8.01
C LEU A 268 8.76 9.39 7.24
N ALA A 269 7.53 9.34 7.74
CA ALA A 269 6.51 8.47 7.12
C ALA A 269 5.26 9.28 6.77
N GLY A 270 4.42 8.71 5.92
CA GLY A 270 3.24 9.35 5.32
C GLY A 270 2.07 9.34 6.31
N ILE A 271 0.96 9.94 5.95
CA ILE A 271 -0.16 10.06 6.78
C ILE A 271 -0.70 8.68 7.11
N SER A 272 -0.71 7.76 6.16
CA SER A 272 -1.30 6.47 6.44
C SER A 272 -0.44 5.68 7.41
N SER A 273 0.84 5.98 7.43
CA SER A 273 1.78 5.45 8.46
C SER A 273 1.39 5.91 9.86
N GLY A 274 1.03 7.20 10.02
CA GLY A 274 0.46 7.69 11.23
C GLY A 274 -0.79 7.02 11.60
N ALA A 275 -1.70 6.71 10.64
CA ALA A 275 -2.92 6.05 10.98
C ALA A 275 -2.61 4.64 11.52
N ALA A 276 -1.75 3.94 10.81
CA ALA A 276 -1.37 2.56 11.29
C ALA A 276 -0.76 2.54 12.72
N VAL A 277 0.20 3.41 12.96
CA VAL A 277 0.80 3.59 14.30
C VAL A 277 -0.24 4.00 15.36
N ALA A 278 -1.16 4.91 15.03
CA ALA A 278 -2.14 5.29 16.02
C ALA A 278 -3.00 4.11 16.43
N ALA A 279 -3.41 3.28 15.49
CA ALA A 279 -4.19 2.06 15.76
C ALA A 279 -3.34 1.07 16.60
N ALA A 280 -2.13 0.87 16.17
CA ALA A 280 -1.21 -0.05 16.88
C ALA A 280 -0.96 0.44 18.33
N ASP A 281 -0.75 1.72 18.54
CA ASP A 281 -0.58 2.28 19.90
C ASP A 281 -1.80 2.04 20.82
N ARG A 282 -3.01 2.22 20.28
CA ARG A 282 -4.22 1.84 21.01
C ARG A 282 -4.20 0.35 21.48
N LEU A 283 -3.90 -0.52 20.57
CA LEU A 283 -3.84 -1.97 20.91
C LEU A 283 -2.71 -2.17 21.93
N ALA A 284 -1.56 -1.53 21.72
CA ALA A 284 -0.35 -1.73 22.53
C ALA A 284 -0.49 -1.32 24.00
N LYS A 285 -1.50 -0.52 24.29
CA LYS A 285 -1.73 0.01 25.64
C LYS A 285 -2.91 -0.71 26.27
N LEU A 286 -3.36 -1.80 25.65
CA LEU A 286 -4.34 -2.66 26.25
C LEU A 286 -3.58 -3.77 26.95
N PRO A 287 -3.94 -4.04 28.21
CA PRO A 287 -3.21 -5.14 28.90
C PRO A 287 -3.24 -6.47 28.20
N GLU A 288 -4.28 -6.76 27.45
CA GLU A 288 -4.27 -7.98 26.64
C GLU A 288 -3.14 -8.10 25.57
N PHE A 289 -2.57 -6.97 25.15
CA PHE A 289 -1.46 -6.94 24.16
C PHE A 289 -0.09 -6.60 24.76
N ALA A 290 0.03 -6.61 26.09
CA ALA A 290 1.25 -6.14 26.77
C ALA A 290 2.47 -7.01 26.48
N ASP A 291 2.29 -8.30 26.43
CA ASP A 291 3.46 -9.15 26.20
C ASP A 291 3.58 -9.49 24.70
N LYS A 292 2.95 -8.73 23.81
CA LYS A 292 2.86 -9.14 22.43
C LYS A 292 3.67 -8.22 21.56
N LEU A 293 4.38 -8.80 20.62
CA LEU A 293 5.15 -8.05 19.63
C LEU A 293 4.24 -7.63 18.45
N ILE A 294 4.10 -6.31 18.33
CA ILE A 294 3.22 -5.69 17.33
C ILE A 294 4.05 -5.06 16.25
N VAL A 295 3.89 -5.54 15.02
CA VAL A 295 4.58 -5.09 13.85
C VAL A 295 3.54 -4.30 13.03
N VAL A 296 3.94 -3.13 12.70
CA VAL A 296 3.07 -2.13 12.02
C VAL A 296 3.69 -1.74 10.66
N ILE A 297 2.92 -1.83 9.57
CA ILE A 297 3.42 -1.50 8.27
C ILE A 297 3.31 0.07 8.10
N LEU A 298 4.40 0.71 7.78
CA LEU A 298 4.43 2.19 7.37
C LEU A 298 4.55 2.20 5.84
N PRO A 299 3.43 2.51 5.14
CA PRO A 299 3.41 2.28 3.70
C PRO A 299 4.29 3.14 2.88
N SER A 300 4.56 4.37 3.34
CA SER A 300 5.27 5.33 2.50
C SER A 300 6.07 6.32 3.34
N ALA A 301 6.89 7.12 2.63
CA ALA A 301 7.78 8.13 3.25
C ALA A 301 7.13 9.51 3.20
N SER A 302 7.59 10.47 4.02
CA SER A 302 6.87 11.75 4.08
C SER A 302 7.33 12.81 3.08
N GLU A 303 8.58 12.80 2.56
CA GLU A 303 9.01 13.83 1.53
C GLU A 303 8.09 13.76 0.27
N ARG A 304 7.31 12.68 0.14
CA ARG A 304 6.23 12.60 -0.82
C ARG A 304 4.94 13.31 -0.33
N TYR A 305 4.95 13.79 0.92
CA TYR A 305 3.79 14.47 1.48
C TYR A 305 4.16 15.92 1.86
N LEU A 306 5.21 16.45 1.24
CA LEU A 306 5.69 17.83 1.53
C LEU A 306 4.58 18.93 1.45
N SER A 307 3.85 18.98 0.33
CA SER A 307 2.83 20.03 0.09
C SER A 307 1.46 19.70 0.71
N THR A 308 1.40 18.74 1.65
CA THR A 308 0.11 18.24 2.19
C THR A 308 -0.11 18.67 3.67
N ALA A 309 -1.32 18.43 4.15
CA ALA A 309 -1.68 18.76 5.53
C ALA A 309 -0.56 18.35 6.52
N LEU A 310 0.21 17.28 6.22
CA LEU A 310 1.35 16.84 7.08
C LEU A 310 2.26 17.98 7.50
N PHE A 311 2.69 18.77 6.51
CA PHE A 311 3.81 19.68 6.69
C PHE A 311 3.36 21.12 6.86
C1 GOL B . -7.78 8.16 17.05
O1 GOL B . -8.73 8.17 16.01
C2 GOL B . -7.85 6.91 17.88
O2 GOL B . -6.82 6.98 18.85
C3 GOL B . -7.92 5.59 17.05
O3 GOL B . -7.52 4.45 17.73
C1 EDO C . 5.24 18.59 14.82
O1 EDO C . 4.17 19.55 14.64
C2 EDO C . 5.29 18.06 16.26
O2 EDO C . 4.76 16.71 16.46
C1 EDO D . 13.03 7.07 3.43
O1 EDO D . 12.16 6.16 4.17
C2 EDO D . 12.98 8.50 3.98
O2 EDO D . 13.51 8.62 5.34
#